data_2N60
#
_entry.id   2N60
#
_entity_poly.entity_id   1
_entity_poly.type   'polydeoxyribonucleotide'
_entity_poly.pdbx_seq_one_letter_code
;(DT)(DT)(DG)(DT)(DG)(DT)(DG)(DG)(DG)(DT)(DG)(DG)(DG)(DT)(DG)(DG)(DG)(DT)
;
_entity_poly.pdbx_strand_id   A
#
loop_
_chem_comp.id
_chem_comp.type
_chem_comp.name
_chem_comp.formula
DG DNA linking 2'-DEOXYGUANOSINE-5'-MONOPHOSPHATE 'C10 H14 N5 O7 P'
DT DNA linking THYMIDINE-5'-MONOPHOSPHATE 'C10 H15 N2 O8 P'
#